data_5I5L
#
_entry.id   5I5L
#
_cell.length_a   173.019
_cell.length_b   173.019
_cell.length_c   78.823
_cell.angle_alpha   90.00
_cell.angle_beta   90.00
_cell.angle_gamma   90.00
#
_symmetry.space_group_name_H-M   'I 4 2 2'
#
loop_
_entity.id
_entity.type
_entity.pdbx_description
1 polymer 'Bacteriophytochrome protein'
2 non-polymer 'BILIVERDINE IX ALPHA'
3 non-polymer 'CALCIUM ION'
4 non-polymer TRIS(HYDROXYETHYL)AMINOMETHANE
5 non-polymer GLYCEROL
6 water water
#
_entity_poly.entity_id   1
_entity_poly.type   'polypeptide(L)'
_entity_poly.pdbx_seq_one_letter_code
;MSSHTPKLDSCGAEPIHIPGAIQEHGALLVLSAREFSVVQASDNLANYIGVDLPIGAVATEANLPFISVLSAWYSGEESN
FRYAWAEKKLDVSAHRSGTLVILEVEKAGVGESAEKLMGELTSLAKYLNSAPSLEDALFRTAQLVSSISGHDRTLIYDFG
LDWSGHVVAEAGSGALPSYLGLRFPAGDIPPQARQLYTINRLRMIPDVDYKPVPIRPEVNAETGAVLDMSFSQLRSVSPV
HLEYMRNMGTAASMSVSIVVNGALWGLIACHHATPHSVSLAVREACDFAAQLLSMRIAMEQSSQDASRRVELGHIQARLL
KGMAAAEKWVDGLLGGEGEREDLLKQVGADGAALVLGDDYELVGNTPSREQVEELILWLGEREIADVFATDNLAGNYPTA
AAYASVASGIIAMRVSELHGSWLIWFRPEVIKTVRWGGDPHKTVQESGRIHPRKSFEIWKEQLRNTSFPWSEPELAAARE
LRGAIIGIVLRKTEEHHHHHH
;
_entity_poly.pdbx_strand_id   A
#
# COMPACT_ATOMS: atom_id res chain seq x y z
N SER A 10 2.69 12.40 -17.55
CA SER A 10 3.94 11.75 -18.04
C SER A 10 4.50 10.71 -17.07
N CYS A 11 4.34 10.95 -15.77
CA CYS A 11 5.03 10.17 -14.72
C CYS A 11 4.71 8.68 -14.76
N GLY A 12 3.41 8.35 -14.77
CA GLY A 12 2.95 6.95 -14.73
C GLY A 12 2.89 6.18 -16.04
N ALA A 13 3.36 6.78 -17.15
CA ALA A 13 3.28 6.18 -18.48
C ALA A 13 4.50 5.36 -18.88
N GLU A 14 5.63 5.54 -18.20
CA GLU A 14 6.82 4.73 -18.49
C GLU A 14 6.47 3.25 -18.25
N PRO A 15 6.57 2.40 -19.30
CA PRO A 15 6.29 0.99 -19.11
C PRO A 15 7.52 0.31 -18.49
N ILE A 16 7.50 0.17 -17.17
CA ILE A 16 8.64 -0.38 -16.45
C ILE A 16 8.84 -1.88 -16.63
N HIS A 17 7.83 -2.56 -17.15
CA HIS A 17 7.82 -4.03 -17.30
C HIS A 17 8.39 -4.55 -18.62
N ILE A 18 8.80 -3.66 -19.52
CA ILE A 18 9.36 -4.08 -20.82
C ILE A 18 10.63 -3.32 -21.24
N PRO A 19 11.67 -3.32 -20.38
CA PRO A 19 12.90 -2.59 -20.70
C PRO A 19 13.86 -3.31 -21.66
N GLY A 20 13.59 -4.57 -21.98
CA GLY A 20 14.47 -5.35 -22.86
C GLY A 20 15.89 -5.50 -22.32
N ALA A 21 16.03 -5.48 -20.99
CA ALA A 21 17.34 -5.55 -20.35
C ALA A 21 17.20 -5.96 -18.90
N ILE A 22 18.30 -6.46 -18.35
CA ILE A 22 18.36 -6.91 -16.95
C ILE A 22 19.47 -6.16 -16.25
N GLN A 23 19.59 -6.41 -14.95
CA GLN A 23 20.71 -5.98 -14.13
C GLN A 23 21.85 -6.99 -14.24
N GLU A 24 23.02 -6.62 -13.71
CA GLU A 24 24.28 -7.39 -13.86
C GLU A 24 24.41 -8.63 -12.99
N HIS A 25 23.65 -8.70 -11.91
CA HIS A 25 23.89 -9.73 -10.88
C HIS A 25 23.38 -11.14 -11.22
N GLY A 26 22.88 -11.32 -12.44
CA GLY A 26 22.51 -12.63 -12.94
C GLY A 26 22.35 -12.53 -14.45
N ALA A 27 21.88 -13.60 -15.06
CA ALA A 27 21.64 -13.62 -16.50
C ALA A 27 20.28 -14.25 -16.79
N LEU A 28 19.83 -14.13 -18.04
CA LEU A 28 18.47 -14.53 -18.40
C LEU A 28 18.40 -15.27 -19.71
N LEU A 29 17.58 -16.31 -19.70
CA LEU A 29 17.31 -17.14 -20.84
C LEU A 29 15.79 -17.29 -21.01
N VAL A 30 15.28 -16.99 -22.20
CA VAL A 30 13.88 -17.25 -22.51
C VAL A 30 13.82 -18.41 -23.47
N LEU A 31 13.04 -19.45 -23.13
CA LEU A 31 12.81 -20.56 -24.06
C LEU A 31 11.33 -20.91 -24.31
N SER A 32 11.11 -21.56 -25.45
CA SER A 32 9.78 -21.93 -25.95
C SER A 32 9.30 -23.24 -25.33
N ALA A 33 8.18 -23.17 -24.62
CA ALA A 33 7.60 -24.30 -23.88
C ALA A 33 7.42 -25.59 -24.67
N ARG A 34 7.01 -25.45 -25.92
CA ARG A 34 6.75 -26.60 -26.77
C ARG A 34 7.99 -27.52 -26.78
N GLU A 35 9.14 -26.93 -27.10
CA GLU A 35 10.37 -27.70 -27.35
C GLU A 35 11.58 -27.35 -26.47
N PHE A 36 11.42 -26.36 -25.58
CA PHE A 36 12.55 -25.75 -24.87
C PHE A 36 13.70 -25.37 -25.80
N SER A 37 13.36 -24.59 -26.82
CA SER A 37 14.34 -23.99 -27.73
C SER A 37 14.58 -22.55 -27.29
N VAL A 38 15.81 -22.08 -27.47
CA VAL A 38 16.18 -20.74 -27.02
C VAL A 38 15.60 -19.70 -27.94
N VAL A 39 14.95 -18.72 -27.34
CA VAL A 39 14.25 -17.67 -28.07
C VAL A 39 14.86 -16.28 -27.82
N GLN A 40 15.21 -15.98 -26.56
CA GLN A 40 15.95 -14.78 -26.18
C GLN A 40 16.98 -15.12 -25.09
N ALA A 41 18.04 -14.33 -25.02
CA ALA A 41 19.03 -14.47 -23.96
C ALA A 41 19.56 -13.10 -23.62
N SER A 42 20.04 -12.94 -22.40
CA SER A 42 20.80 -11.76 -22.04
C SER A 42 22.25 -11.90 -22.54
N ASP A 43 22.86 -10.77 -22.90
CA ASP A 43 24.21 -10.73 -23.43
C ASP A 43 25.25 -11.39 -22.50
N ASN A 44 25.01 -11.35 -21.20
CA ASN A 44 25.89 -12.00 -20.23
C ASN A 44 25.61 -13.49 -19.97
N LEU A 45 24.68 -14.11 -20.70
CA LEU A 45 24.32 -15.50 -20.41
C LEU A 45 25.49 -16.48 -20.46
N ALA A 46 26.36 -16.32 -21.47
CA ALA A 46 27.58 -17.15 -21.60
C ALA A 46 28.49 -17.06 -20.37
N ASN A 47 28.56 -15.88 -19.75
CA ASN A 47 29.38 -15.66 -18.54
C ASN A 47 28.89 -16.44 -17.30
N TYR A 48 27.64 -16.88 -17.31
CA TYR A 48 27.08 -17.68 -16.21
C TYR A 48 26.93 -19.16 -16.57
N ILE A 49 26.32 -19.43 -17.72
CA ILE A 49 26.04 -20.80 -18.15
C ILE A 49 27.31 -21.57 -18.61
N GLY A 50 28.27 -20.87 -19.21
CA GLY A 50 29.46 -21.51 -19.80
C GLY A 50 29.22 -22.27 -21.11
N VAL A 51 28.14 -21.93 -21.81
CA VAL A 51 27.80 -22.47 -23.13
C VAL A 51 27.00 -21.37 -23.82
N ASP A 52 27.16 -21.17 -25.13
CA ASP A 52 26.47 -20.03 -25.80
C ASP A 52 24.95 -20.19 -25.84
N LEU A 53 24.47 -21.25 -26.48
CA LEU A 53 23.04 -21.47 -26.74
C LEU A 53 22.55 -20.38 -27.70
N PRO A 54 22.73 -20.59 -29.02
CA PRO A 54 22.23 -19.60 -29.96
C PRO A 54 20.73 -19.65 -30.06
N ILE A 55 20.16 -18.67 -30.76
CA ILE A 55 18.72 -18.58 -30.93
C ILE A 55 18.32 -19.70 -31.89
N GLY A 56 17.44 -20.58 -31.44
CA GLY A 56 17.07 -21.78 -32.18
C GLY A 56 17.57 -23.06 -31.50
N ALA A 57 18.57 -22.93 -30.64
CA ALA A 57 19.17 -24.07 -29.96
C ALA A 57 18.21 -24.70 -28.97
N VAL A 58 18.04 -26.02 -29.06
CA VAL A 58 17.24 -26.79 -28.09
C VAL A 58 18.10 -27.04 -26.86
N ALA A 59 17.48 -26.92 -25.69
CA ALA A 59 18.13 -27.22 -24.42
C ALA A 59 18.24 -28.73 -24.22
N THR A 60 19.42 -29.20 -23.80
CA THR A 60 19.67 -30.62 -23.53
C THR A 60 20.31 -30.80 -22.15
N GLU A 61 20.31 -32.03 -21.65
CA GLU A 61 20.89 -32.36 -20.33
C GLU A 61 22.39 -32.06 -20.24
N ALA A 62 23.10 -32.10 -21.37
CA ALA A 62 24.54 -31.79 -21.44
C ALA A 62 24.89 -30.34 -21.04
N ASN A 63 24.04 -29.39 -21.43
CA ASN A 63 24.26 -27.96 -21.12
C ASN A 63 23.40 -27.46 -19.95
N LEU A 64 22.17 -27.97 -19.82
CA LEU A 64 21.29 -27.67 -18.70
C LEU A 64 20.91 -28.96 -17.95
N PRO A 65 21.68 -29.33 -16.90
CA PRO A 65 21.39 -30.57 -16.15
C PRO A 65 19.98 -30.63 -15.56
N PHE A 66 19.48 -29.48 -15.14
CA PHE A 66 18.09 -29.37 -14.63
C PHE A 66 16.98 -29.57 -15.66
N ILE A 67 17.30 -29.62 -16.96
CA ILE A 67 16.28 -29.70 -18.00
C ILE A 67 15.20 -30.76 -17.74
N SER A 68 15.62 -31.89 -17.17
CA SER A 68 14.72 -32.96 -16.77
C SER A 68 13.68 -32.52 -15.73
N VAL A 69 14.13 -31.90 -14.65
CA VAL A 69 13.21 -31.38 -13.62
C VAL A 69 12.42 -30.14 -14.07
N LEU A 70 12.99 -29.33 -14.96
CA LEU A 70 12.30 -28.16 -15.50
C LEU A 70 11.09 -28.55 -16.35
N SER A 71 11.25 -29.60 -17.16
CA SER A 71 10.13 -30.20 -17.92
C SER A 71 9.02 -30.67 -16.99
N ALA A 72 9.44 -31.31 -15.89
CA ALA A 72 8.52 -31.80 -14.88
C ALA A 72 7.81 -30.63 -14.22
N TRP A 73 8.59 -29.64 -13.79
CA TRP A 73 8.00 -28.42 -13.24
C TRP A 73 6.98 -27.81 -14.21
N TYR A 74 7.37 -27.69 -15.49
CA TYR A 74 6.54 -27.02 -16.50
C TYR A 74 5.14 -27.60 -16.66
N SER A 75 5.02 -28.93 -16.61
CA SER A 75 3.70 -29.60 -16.67
C SER A 75 2.86 -29.38 -15.42
N GLY A 76 3.52 -29.33 -14.26
CA GLY A 76 2.85 -29.22 -12.96
C GLY A 76 2.17 -27.88 -12.69
N GLU A 77 1.70 -27.72 -11.45
CA GLU A 77 0.94 -26.54 -11.01
C GLU A 77 1.77 -25.47 -10.27
N GLU A 78 2.92 -25.86 -9.70
CA GLU A 78 3.80 -24.92 -8.98
C GLU A 78 4.16 -23.76 -9.90
N SER A 79 3.69 -22.55 -9.58
CA SER A 79 3.85 -21.38 -10.46
C SER A 79 5.31 -20.96 -10.74
N ASN A 80 6.23 -21.29 -9.83
CA ASN A 80 7.66 -20.97 -10.01
C ASN A 80 8.54 -22.19 -9.88
N PHE A 81 9.73 -22.06 -10.45
CA PHE A 81 10.76 -23.12 -10.47
C PHE A 81 11.96 -22.59 -9.74
N ARG A 82 12.50 -23.36 -8.80
CA ARG A 82 13.83 -23.05 -8.28
C ARG A 82 14.65 -24.31 -8.22
N TYR A 83 15.94 -24.16 -8.50
CA TYR A 83 16.87 -25.27 -8.54
C TYR A 83 18.26 -24.79 -8.16
N ALA A 84 18.91 -25.54 -7.28
CA ALA A 84 20.28 -25.27 -6.87
C ALA A 84 21.20 -25.95 -7.87
N TRP A 85 22.04 -25.15 -8.54
CA TRP A 85 23.03 -25.66 -9.48
C TRP A 85 24.37 -25.61 -8.76
N ALA A 86 24.67 -26.68 -8.04
CA ALA A 86 25.88 -26.77 -7.24
C ALA A 86 27.14 -26.66 -8.10
N GLU A 87 27.19 -27.42 -9.20
CA GLU A 87 28.30 -27.36 -10.18
C GLU A 87 28.88 -25.95 -10.37
N LYS A 88 28.01 -25.01 -10.77
CA LYS A 88 28.44 -23.64 -11.09
C LYS A 88 28.19 -22.62 -9.96
N LYS A 89 27.79 -23.10 -8.78
CA LYS A 89 27.36 -22.25 -7.66
C LYS A 89 26.30 -21.22 -8.08
N LEU A 90 25.28 -21.66 -8.82
CA LEU A 90 24.20 -20.78 -9.27
C LEU A 90 22.84 -21.19 -8.70
N ASP A 91 21.99 -20.21 -8.39
CA ASP A 91 20.58 -20.46 -8.13
C ASP A 91 19.81 -20.15 -9.40
N VAL A 92 19.09 -21.15 -9.89
CA VAL A 92 18.30 -21.03 -11.09
C VAL A 92 16.84 -20.89 -10.69
N SER A 93 16.12 -20.04 -11.42
CA SER A 93 14.68 -19.94 -11.23
C SER A 93 13.98 -19.60 -12.51
N ALA A 94 12.71 -19.94 -12.59
CA ALA A 94 11.95 -19.75 -13.80
C ALA A 94 10.49 -19.54 -13.49
N HIS A 95 9.77 -19.04 -14.47
CA HIS A 95 8.32 -18.91 -14.36
C HIS A 95 7.73 -18.95 -15.77
N ARG A 96 6.41 -19.12 -15.83
CA ARG A 96 5.68 -19.18 -17.09
C ARG A 96 5.20 -17.80 -17.51
N SER A 97 5.30 -17.51 -18.81
CA SER A 97 4.81 -16.25 -19.36
C SER A 97 4.19 -16.58 -20.71
N GLY A 98 2.87 -16.73 -20.71
CA GLY A 98 2.13 -17.26 -21.84
C GLY A 98 2.67 -18.65 -22.17
N THR A 99 3.26 -18.76 -23.35
CA THR A 99 3.81 -20.02 -23.85
C THR A 99 5.34 -20.11 -23.73
N LEU A 100 5.91 -19.28 -22.86
CA LEU A 100 7.35 -19.16 -22.72
C LEU A 100 7.76 -19.50 -21.29
N VAL A 101 8.97 -20.00 -21.14
CA VAL A 101 9.56 -20.13 -19.83
C VAL A 101 10.68 -19.12 -19.76
N ILE A 102 10.68 -18.34 -18.69
CA ILE A 102 11.72 -17.36 -18.43
C ILE A 102 12.59 -17.87 -17.30
N LEU A 103 13.78 -18.34 -17.66
CA LEU A 103 14.83 -18.77 -16.75
C LEU A 103 15.76 -17.63 -16.34
N GLU A 104 16.03 -17.53 -15.06
CA GLU A 104 16.96 -16.55 -14.51
C GLU A 104 17.97 -17.28 -13.67
N VAL A 105 19.23 -16.91 -13.83
CA VAL A 105 20.35 -17.51 -13.13
C VAL A 105 21.03 -16.43 -12.30
N GLU A 106 21.16 -16.65 -10.99
CA GLU A 106 21.93 -15.77 -10.09
C GLU A 106 22.93 -16.59 -9.28
N LYS A 107 24.09 -16.00 -9.00
CA LYS A 107 25.09 -16.64 -8.13
C LYS A 107 24.46 -17.01 -6.79
N ALA A 108 24.75 -18.21 -6.31
CA ALA A 108 24.18 -18.73 -5.07
C ALA A 108 24.79 -17.99 -3.89
N GLY A 109 24.00 -17.77 -2.85
CA GLY A 109 24.47 -17.13 -1.63
C GLY A 109 25.12 -18.18 -0.75
N VAL A 110 26.44 -18.28 -0.80
CA VAL A 110 27.19 -19.17 0.11
C VAL A 110 27.23 -18.56 1.51
N GLY A 111 27.52 -19.39 2.51
CA GLY A 111 27.64 -18.95 3.90
C GLY A 111 26.35 -18.48 4.58
N GLU A 112 25.22 -19.09 4.21
CA GLU A 112 23.93 -18.83 4.88
C GLU A 112 23.24 -20.14 5.29
N SER A 113 22.51 -20.07 6.40
CA SER A 113 21.89 -21.23 7.02
C SER A 113 20.38 -21.19 6.85
N ALA A 114 19.80 -22.34 6.50
CA ALA A 114 18.35 -22.49 6.35
C ALA A 114 17.65 -22.65 7.70
N GLU A 115 18.31 -23.33 8.65
CA GLU A 115 17.85 -23.34 10.05
C GLU A 115 17.81 -21.93 10.64
N LYS A 116 18.76 -21.07 10.24
CA LYS A 116 18.78 -19.65 10.63
C LYS A 116 17.49 -18.96 10.23
N LEU A 117 17.19 -19.02 8.92
CA LEU A 117 15.93 -18.50 8.38
C LEU A 117 14.75 -19.13 9.10
N MET A 118 14.68 -20.45 9.09
CA MET A 118 13.59 -21.19 9.72
C MET A 118 13.33 -20.78 11.18
N GLY A 119 14.40 -20.75 11.96
CA GLY A 119 14.32 -20.38 13.38
C GLY A 119 13.88 -18.95 13.55
N GLU A 120 14.47 -18.05 12.77
CA GLU A 120 14.11 -16.64 12.79
C GLU A 120 12.67 -16.41 12.35
N LEU A 121 12.23 -17.10 11.29
CA LEU A 121 10.86 -16.94 10.76
C LEU A 121 9.79 -17.36 11.78
N THR A 122 10.09 -18.40 12.55
CA THR A 122 9.20 -18.90 13.61
C THR A 122 9.03 -17.90 14.75
N SER A 123 10.13 -17.23 15.13
CA SER A 123 10.10 -16.18 16.16
C SER A 123 9.18 -15.01 15.79
N LEU A 124 9.07 -14.71 14.50
CA LEU A 124 8.04 -13.78 14.01
C LEU A 124 6.64 -14.43 13.99
N ALA A 125 6.53 -15.65 13.48
CA ALA A 125 5.23 -16.33 13.36
C ALA A 125 4.55 -16.59 14.71
N LYS A 126 5.32 -16.93 15.73
CA LYS A 126 4.81 -17.05 17.09
C LYS A 126 4.26 -15.69 17.54
N TYR A 127 5.09 -14.65 17.41
CA TYR A 127 4.75 -13.25 17.74
C TYR A 127 3.46 -12.80 17.06
N LEU A 128 3.42 -12.94 15.73
CA LEU A 128 2.29 -12.55 14.89
C LEU A 128 0.97 -13.29 15.19
N ASN A 129 1.05 -14.55 15.64
CA ASN A 129 -0.15 -15.36 15.90
C ASN A 129 -0.76 -15.18 17.32
N SER A 130 -0.09 -14.42 18.18
CA SER A 130 -0.57 -14.14 19.55
C SER A 130 -1.49 -12.91 19.68
N ALA A 131 -1.89 -12.32 18.53
CA ALA A 131 -2.69 -11.09 18.48
C ALA A 131 -2.06 -9.87 19.17
N PRO A 132 -0.79 -9.53 18.83
CA PRO A 132 -0.11 -8.40 19.45
C PRO A 132 -0.51 -7.09 18.80
N SER A 133 -0.14 -5.96 19.42
CA SER A 133 -0.42 -4.65 18.84
C SER A 133 0.31 -4.54 17.51
N LEU A 134 -0.39 -4.02 16.52
CA LEU A 134 0.14 -3.87 15.17
C LEU A 134 1.51 -3.17 15.12
N GLU A 135 1.70 -2.14 15.96
CA GLU A 135 2.96 -1.37 15.94
C GLU A 135 4.15 -2.30 16.19
N ASP A 136 4.02 -3.13 17.22
CA ASP A 136 5.07 -4.07 17.60
C ASP A 136 5.24 -5.22 16.57
N ALA A 137 4.14 -5.64 15.93
CA ALA A 137 4.22 -6.59 14.82
C ALA A 137 5.04 -6.01 13.67
N LEU A 138 4.73 -4.78 13.29
CA LEU A 138 5.46 -4.08 12.23
C LEU A 138 6.95 -3.89 12.55
N PHE A 139 7.26 -3.58 13.80
CA PHE A 139 8.66 -3.36 14.19
C PHE A 139 9.48 -4.64 14.16
N ARG A 140 8.98 -5.71 14.76
CA ARG A 140 9.73 -6.96 14.81
C ARG A 140 9.77 -7.66 13.45
N THR A 141 8.77 -7.39 12.60
CA THR A 141 8.85 -7.81 11.21
C THR A 141 9.95 -7.06 10.48
N ALA A 142 10.03 -5.75 10.71
CA ALA A 142 11.13 -4.96 10.17
C ALA A 142 12.47 -5.47 10.69
N GLN A 143 12.51 -5.78 11.98
CA GLN A 143 13.75 -6.21 12.61
C GLN A 143 14.22 -7.62 12.24
N LEU A 144 13.32 -8.50 11.81
CA LEU A 144 13.75 -9.81 11.30
C LEU A 144 14.34 -9.64 9.92
N VAL A 145 13.61 -8.94 9.04
CA VAL A 145 14.10 -8.66 7.70
C VAL A 145 15.44 -7.90 7.78
N SER A 146 15.58 -7.00 8.75
CA SER A 146 16.86 -6.36 9.02
C SER A 146 17.93 -7.38 9.40
N SER A 147 17.57 -8.26 10.35
CA SER A 147 18.48 -9.31 10.79
C SER A 147 18.96 -10.19 9.64
N ILE A 148 18.04 -10.87 8.96
CA ILE A 148 18.41 -11.83 7.91
C ILE A 148 18.90 -11.23 6.59
N SER A 149 18.56 -9.97 6.29
CA SER A 149 18.97 -9.36 5.01
C SER A 149 20.33 -8.61 5.10
N GLY A 150 20.64 -8.08 6.28
CA GLY A 150 21.91 -7.37 6.50
C GLY A 150 22.04 -5.95 5.95
N HIS A 151 20.93 -5.34 5.53
CA HIS A 151 20.94 -3.97 5.01
C HIS A 151 21.20 -2.99 6.15
N ASP A 152 21.40 -1.72 5.80
CA ASP A 152 21.69 -0.67 6.76
C ASP A 152 20.40 -0.11 7.33
N ARG A 153 19.31 -0.26 6.58
CA ARG A 153 17.99 0.19 7.01
C ARG A 153 16.93 -0.69 6.41
N THR A 154 16.01 -1.13 7.25
CA THR A 154 14.80 -1.82 6.87
C THR A 154 13.68 -0.96 7.43
N LEU A 155 12.68 -0.66 6.62
CA LEU A 155 11.51 0.08 7.10
C LEU A 155 10.23 -0.44 6.51
N ILE A 156 9.13 -0.11 7.16
CA ILE A 156 7.81 -0.51 6.70
C ILE A 156 7.03 0.76 6.37
N TYR A 157 6.54 0.82 5.13
CA TYR A 157 5.98 2.01 4.53
C TYR A 157 4.51 1.74 4.27
N ASP A 158 3.62 2.47 4.97
CA ASP A 158 2.16 2.28 4.91
C ASP A 158 1.53 3.31 3.97
N PHE A 159 0.93 2.85 2.88
CA PHE A 159 0.21 3.72 1.97
C PHE A 159 -1.06 4.28 2.57
N GLY A 160 -1.33 5.55 2.27
CA GLY A 160 -2.56 6.19 2.66
C GLY A 160 -3.51 6.16 1.49
N LEU A 161 -4.72 6.66 1.72
CA LEU A 161 -5.76 6.63 0.71
C LEU A 161 -5.39 7.42 -0.56
N ASP A 162 -4.54 8.43 -0.43
CA ASP A 162 -4.03 9.19 -1.61
C ASP A 162 -2.72 8.62 -2.22
N TRP A 163 -2.23 7.50 -1.70
CA TRP A 163 -1.04 6.81 -2.19
C TRP A 163 0.29 7.49 -1.89
N SER A 164 0.24 8.55 -1.09
CA SER A 164 1.40 8.92 -0.29
C SER A 164 1.48 7.85 0.75
N GLY A 165 2.63 7.73 1.40
CA GLY A 165 2.78 6.75 2.46
C GLY A 165 3.68 7.30 3.51
N HIS A 166 3.63 6.68 4.67
CA HIS A 166 4.47 7.10 5.77
C HIS A 166 5.07 5.92 6.49
N VAL A 167 6.27 6.14 7.01
CA VAL A 167 7.08 5.08 7.56
C VAL A 167 6.55 4.80 8.94
N VAL A 168 6.21 3.55 9.20
CA VAL A 168 5.62 3.11 10.48
C VAL A 168 6.47 2.12 11.28
N ALA A 169 7.59 1.66 10.72
CA ALA A 169 8.54 0.83 11.47
C ALA A 169 9.90 1.00 10.83
N GLU A 170 10.94 0.78 11.62
CA GLU A 170 12.30 0.95 11.14
C GLU A 170 13.25 0.12 12.00
N ALA A 171 14.14 -0.59 11.33
CA ALA A 171 15.30 -1.22 11.96
C ALA A 171 16.49 -0.82 11.11
N GLY A 172 17.66 -0.65 11.73
CA GLY A 172 18.85 -0.24 10.98
C GLY A 172 20.15 -0.26 11.75
N SER A 173 21.23 0.05 11.04
CA SER A 173 22.60 -0.03 11.55
C SER A 173 23.26 1.34 11.83
N GLY A 174 22.48 2.40 11.95
CA GLY A 174 23.01 3.79 12.00
C GLY A 174 23.64 4.38 10.73
N ALA A 175 24.01 3.54 9.75
CA ALA A 175 24.80 3.97 8.60
C ALA A 175 24.02 4.82 7.58
N LEU A 176 22.70 4.62 7.52
CA LEU A 176 21.80 5.47 6.73
C LEU A 176 20.94 6.30 7.66
N PRO A 177 20.28 7.36 7.13
CA PRO A 177 19.35 8.16 7.92
C PRO A 177 18.13 7.42 8.43
N SER A 178 17.51 7.98 9.46
CA SER A 178 16.27 7.46 10.02
C SER A 178 15.12 8.24 9.44
N TYR A 179 14.19 7.54 8.79
CA TYR A 179 12.96 8.14 8.26
C TYR A 179 11.68 7.80 9.06
N LEU A 180 11.80 7.14 10.21
CA LEU A 180 10.62 6.75 11.00
C LEU A 180 9.69 7.95 11.18
N GLY A 181 8.42 7.75 10.81
CA GLY A 181 7.37 8.78 10.95
C GLY A 181 7.24 9.81 9.84
N LEU A 182 8.13 9.77 8.85
CA LEU A 182 8.05 10.68 7.70
C LEU A 182 6.99 10.21 6.72
N ARG A 183 6.31 11.17 6.09
CA ARG A 183 5.44 10.92 4.95
C ARG A 183 6.23 11.16 3.69
N PHE A 184 5.86 10.47 2.63
CA PHE A 184 6.48 10.67 1.33
C PHE A 184 5.36 10.76 0.34
N PRO A 185 5.52 11.59 -0.72
CA PRO A 185 4.43 11.84 -1.64
C PRO A 185 4.19 10.65 -2.55
N ALA A 186 3.01 10.64 -3.17
CA ALA A 186 2.58 9.51 -4.00
C ALA A 186 3.43 9.25 -5.24
N GLY A 187 3.97 10.32 -5.83
CA GLY A 187 4.73 10.20 -7.06
C GLY A 187 6.05 9.47 -6.93
N ASP A 188 6.51 9.30 -5.69
CA ASP A 188 7.70 8.51 -5.40
C ASP A 188 7.57 7.05 -5.83
N ILE A 189 6.34 6.53 -5.78
CA ILE A 189 6.04 5.19 -6.30
C ILE A 189 4.81 5.33 -7.17
N PRO A 190 5.01 5.66 -8.46
CA PRO A 190 3.86 5.96 -9.32
C PRO A 190 2.98 4.74 -9.61
N PRO A 191 1.82 4.96 -10.25
CA PRO A 191 0.81 3.91 -10.25
C PRO A 191 1.20 2.61 -10.95
N GLN A 192 1.89 2.69 -12.07
CA GLN A 192 2.28 1.49 -12.78
C GLN A 192 3.24 0.65 -11.95
N ALA A 193 4.10 1.32 -11.17
CA ALA A 193 4.97 0.64 -10.21
C ALA A 193 4.18 -0.05 -9.11
N ARG A 194 3.25 0.68 -8.49
CA ARG A 194 2.39 0.11 -7.47
C ARG A 194 1.54 -1.07 -7.96
N GLN A 195 1.11 -1.06 -9.22
CA GLN A 195 0.29 -2.15 -9.76
C GLN A 195 1.17 -3.36 -10.01
N LEU A 196 2.34 -3.12 -10.60
CA LEU A 196 3.34 -4.18 -10.74
C LEU A 196 3.70 -4.81 -9.41
N TYR A 197 3.81 -4.01 -8.35
CA TYR A 197 4.24 -4.52 -7.06
C TYR A 197 3.13 -5.24 -6.33
N THR A 198 1.89 -5.08 -6.79
CA THR A 198 0.76 -5.81 -6.24
C THR A 198 0.78 -7.27 -6.64
N ILE A 199 1.34 -7.56 -7.82
CA ILE A 199 1.36 -8.93 -8.35
C ILE A 199 2.75 -9.54 -8.32
N ASN A 200 3.80 -8.77 -8.53
CA ASN A 200 5.15 -9.24 -8.31
C ASN A 200 5.60 -8.62 -6.99
N ARG A 201 5.64 -9.42 -5.93
CA ARG A 201 5.74 -8.90 -4.57
C ARG A 201 7.15 -8.67 -4.05
N LEU A 202 8.16 -8.75 -4.90
CA LEU A 202 9.56 -8.75 -4.48
C LEU A 202 10.43 -8.07 -5.52
N ARG A 203 11.42 -7.29 -5.08
CA ARG A 203 12.38 -6.66 -6.00
C ARG A 203 13.67 -6.32 -5.30
N MET A 204 14.77 -6.39 -6.05
CA MET A 204 16.12 -6.19 -5.52
C MET A 204 16.97 -5.47 -6.56
N ILE A 205 17.68 -4.44 -6.09
CA ILE A 205 18.55 -3.60 -6.88
C ILE A 205 19.88 -3.59 -6.14
N PRO A 206 20.77 -4.58 -6.41
CA PRO A 206 21.99 -4.69 -5.60
C PRO A 206 23.01 -3.58 -5.77
N ASP A 207 22.99 -2.90 -6.91
CA ASP A 207 23.94 -1.82 -7.19
C ASP A 207 23.28 -0.77 -8.08
N VAL A 208 23.08 0.43 -7.53
CA VAL A 208 22.44 1.53 -8.27
C VAL A 208 23.13 1.86 -9.61
N ASP A 209 24.47 1.73 -9.67
CA ASP A 209 25.22 2.05 -10.90
C ASP A 209 25.58 0.84 -11.77
N TYR A 210 24.75 -0.21 -11.76
CA TYR A 210 24.92 -1.32 -12.72
C TYR A 210 24.76 -0.78 -14.16
N LYS A 211 25.49 -1.36 -15.11
CA LYS A 211 25.25 -1.07 -16.53
C LYS A 211 24.25 -2.10 -17.03
N PRO A 212 23.09 -1.64 -17.56
CA PRO A 212 22.08 -2.55 -18.07
C PRO A 212 22.63 -3.53 -19.11
N VAL A 213 22.21 -4.79 -18.99
CA VAL A 213 22.66 -5.85 -19.87
C VAL A 213 21.50 -6.23 -20.79
N PRO A 214 21.61 -5.93 -22.11
CA PRO A 214 20.50 -6.16 -23.05
C PRO A 214 19.99 -7.59 -23.15
N ILE A 215 18.74 -7.74 -23.56
CA ILE A 215 18.21 -9.03 -23.99
C ILE A 215 18.02 -8.98 -25.50
N ARG A 216 18.70 -9.90 -26.19
CA ARG A 216 18.65 -10.02 -27.64
C ARG A 216 18.07 -11.40 -27.96
N PRO A 217 17.29 -11.54 -29.04
CA PRO A 217 16.75 -10.42 -29.82
C PRO A 217 15.69 -9.65 -29.01
N GLU A 218 15.55 -8.35 -29.25
CA GLU A 218 14.64 -7.53 -28.44
C GLU A 218 13.19 -7.99 -28.65
N VAL A 219 12.85 -8.20 -29.92
CA VAL A 219 11.58 -8.83 -30.32
C VAL A 219 11.71 -10.36 -30.30
N ASN A 220 10.91 -10.98 -29.45
CA ASN A 220 10.79 -12.43 -29.36
C ASN A 220 10.16 -13.00 -30.64
N ALA A 221 10.83 -13.95 -31.27
CA ALA A 221 10.32 -14.53 -32.52
C ALA A 221 9.14 -15.48 -32.34
N GLU A 222 8.89 -15.95 -31.12
CA GLU A 222 7.75 -16.85 -30.85
C GLU A 222 6.46 -16.04 -30.77
N THR A 223 6.48 -14.98 -29.98
CA THR A 223 5.30 -14.13 -29.73
C THR A 223 5.08 -12.96 -30.69
N GLY A 224 6.17 -12.48 -31.32
CA GLY A 224 6.15 -11.26 -32.14
C GLY A 224 6.31 -9.97 -31.35
N ALA A 225 6.49 -10.08 -30.05
CA ALA A 225 6.45 -8.94 -29.14
C ALA A 225 7.73 -8.91 -28.37
N VAL A 226 7.97 -7.80 -27.67
CA VAL A 226 9.08 -7.72 -26.74
C VAL A 226 8.68 -8.47 -25.50
N LEU A 227 9.67 -8.90 -24.74
CA LEU A 227 9.46 -9.77 -23.59
C LEU A 227 8.76 -9.05 -22.46
N ASP A 228 7.69 -9.62 -21.95
CA ASP A 228 7.02 -9.08 -20.79
C ASP A 228 7.81 -9.52 -19.57
N MET A 229 8.57 -8.59 -19.00
CA MET A 229 9.44 -8.89 -17.85
C MET A 229 8.79 -8.61 -16.50
N SER A 230 7.46 -8.61 -16.45
CA SER A 230 6.74 -8.35 -15.19
C SER A 230 7.15 -9.25 -14.03
N PHE A 231 7.43 -10.53 -14.28
CA PHE A 231 7.83 -11.45 -13.19
C PHE A 231 9.32 -11.82 -13.19
N SER A 232 10.11 -11.06 -13.94
CA SER A 232 11.56 -11.22 -13.98
C SER A 232 12.16 -10.54 -12.76
N GLN A 233 12.74 -11.34 -11.87
CA GLN A 233 13.47 -10.83 -10.70
C GLN A 233 14.77 -10.09 -11.06
N LEU A 234 15.30 -10.33 -12.26
CA LEU A 234 16.51 -9.61 -12.74
C LEU A 234 16.24 -8.33 -13.54
N ARG A 235 14.98 -7.94 -13.69
CA ARG A 235 14.59 -6.85 -14.59
C ARG A 235 15.37 -5.57 -14.31
N SER A 236 15.80 -4.89 -15.37
CA SER A 236 16.40 -3.58 -15.24
C SER A 236 15.34 -2.59 -14.78
N VAL A 237 15.64 -1.85 -13.72
CA VAL A 237 14.70 -0.86 -13.18
C VAL A 237 14.74 0.47 -13.92
N SER A 238 13.72 1.27 -13.66
CA SER A 238 13.58 2.60 -14.24
C SER A 238 14.79 3.50 -13.96
N PRO A 239 15.36 4.11 -15.01
CA PRO A 239 16.42 5.12 -14.83
C PRO A 239 16.08 6.23 -13.83
N VAL A 240 14.84 6.73 -13.87
CA VAL A 240 14.43 7.83 -13.00
C VAL A 240 14.44 7.42 -11.52
N HIS A 241 14.01 6.21 -11.21
CA HIS A 241 14.09 5.71 -9.85
C HIS A 241 15.54 5.61 -9.36
N LEU A 242 16.47 5.25 -10.24
CA LEU A 242 17.88 5.18 -9.87
C LEU A 242 18.45 6.56 -9.51
N GLU A 243 17.97 7.64 -10.13
CA GLU A 243 18.32 9.00 -9.67
C GLU A 243 17.75 9.24 -8.27
N TYR A 244 16.54 8.74 -8.01
CA TYR A 244 15.97 8.80 -6.65
C TYR A 244 16.89 8.11 -5.64
N MET A 245 17.36 6.91 -5.97
CA MET A 245 18.29 6.21 -5.08
C MET A 245 19.60 6.98 -4.85
N ARG A 246 20.16 7.54 -5.92
CA ARG A 246 21.39 8.38 -5.85
C ARG A 246 21.14 9.64 -5.06
N ASN A 247 20.03 10.31 -5.37
CA ASN A 247 19.63 11.48 -4.61
C ASN A 247 19.48 11.14 -3.12
N MET A 248 18.92 9.97 -2.81
CA MET A 248 18.78 9.51 -1.42
C MET A 248 20.11 9.05 -0.80
N GLY A 249 21.03 8.55 -1.62
CA GLY A 249 22.31 8.05 -1.13
C GLY A 249 22.19 6.60 -0.68
N THR A 250 21.48 5.81 -1.48
CA THR A 250 21.34 4.38 -1.28
C THR A 250 21.96 3.66 -2.47
N ALA A 251 23.06 2.95 -2.23
CA ALA A 251 23.74 2.20 -3.29
C ALA A 251 23.04 0.88 -3.64
N ALA A 252 22.40 0.26 -2.65
CA ALA A 252 21.55 -0.92 -2.87
C ALA A 252 20.17 -0.74 -2.23
N SER A 253 19.16 -1.35 -2.83
CA SER A 253 17.82 -1.43 -2.23
C SER A 253 17.21 -2.82 -2.42
N MET A 254 16.15 -3.07 -1.67
CA MET A 254 15.38 -4.30 -1.78
C MET A 254 14.03 -4.06 -1.12
N SER A 255 12.94 -4.37 -1.82
CA SER A 255 11.62 -4.17 -1.24
C SER A 255 10.69 -5.35 -1.50
N VAL A 256 9.70 -5.47 -0.61
CA VAL A 256 8.76 -6.56 -0.63
C VAL A 256 7.39 -5.97 -0.39
N SER A 257 6.45 -6.30 -1.28
CA SER A 257 5.08 -5.85 -1.15
C SER A 257 4.40 -6.52 0.03
N ILE A 258 3.57 -5.76 0.75
CA ILE A 258 2.70 -6.28 1.79
C ILE A 258 1.30 -6.17 1.21
N VAL A 259 0.71 -7.28 0.79
CA VAL A 259 -0.58 -7.29 0.09
C VAL A 259 -1.64 -7.88 0.99
N VAL A 260 -2.64 -7.06 1.29
CA VAL A 260 -3.73 -7.41 2.17
C VAL A 260 -4.99 -7.28 1.33
N ASN A 261 -5.86 -8.30 1.37
CA ASN A 261 -7.14 -8.30 0.64
C ASN A 261 -7.00 -7.82 -0.81
N GLY A 262 -6.03 -8.37 -1.53
CA GLY A 262 -5.80 -8.02 -2.93
C GLY A 262 -5.24 -6.64 -3.23
N ALA A 263 -4.90 -5.87 -2.21
CA ALA A 263 -4.49 -4.48 -2.40
C ALA A 263 -3.09 -4.30 -1.85
N LEU A 264 -2.30 -3.45 -2.51
CA LEU A 264 -1.00 -3.05 -2.00
C LEU A 264 -1.17 -2.19 -0.73
N TRP A 265 -0.91 -2.80 0.41
CA TRP A 265 -1.08 -2.16 1.71
C TRP A 265 0.11 -1.28 2.02
N GLY A 266 1.31 -1.75 1.65
CA GLY A 266 2.57 -1.13 2.05
C GLY A 266 3.81 -1.88 1.55
N LEU A 267 4.98 -1.47 2.01
CA LEU A 267 6.24 -2.10 1.58
C LEU A 267 7.14 -2.33 2.78
N ILE A 268 7.87 -3.44 2.77
CA ILE A 268 9.07 -3.55 3.56
C ILE A 268 10.15 -3.03 2.63
N ALA A 269 10.79 -1.92 2.99
CA ALA A 269 11.82 -1.31 2.16
C ALA A 269 13.19 -1.40 2.85
N CYS A 270 14.14 -2.06 2.17
CA CYS A 270 15.50 -2.21 2.67
C CYS A 270 16.46 -1.42 1.82
N HIS A 271 17.40 -0.72 2.45
CA HIS A 271 18.42 0.03 1.73
C HIS A 271 19.78 -0.12 2.40
N HIS A 272 20.84 -0.19 1.59
CA HIS A 272 22.21 -0.29 2.07
C HIS A 272 22.97 0.92 1.53
N ALA A 273 23.96 1.38 2.31
CA ALA A 273 24.77 2.54 1.97
C ALA A 273 25.74 2.24 0.82
N THR A 274 26.39 1.08 0.89
CA THR A 274 27.19 0.55 -0.21
C THR A 274 26.38 -0.52 -0.94
N PRO A 275 26.92 -1.10 -2.03
CA PRO A 275 26.23 -2.25 -2.64
C PRO A 275 26.00 -3.44 -1.69
N HIS A 276 25.02 -4.27 -2.03
CA HIS A 276 24.60 -5.38 -1.18
C HIS A 276 23.69 -6.30 -1.99
N SER A 277 23.80 -7.59 -1.73
CA SER A 277 22.99 -8.59 -2.41
C SER A 277 22.33 -9.46 -1.34
N VAL A 278 21.34 -10.22 -1.77
CA VAL A 278 20.53 -11.05 -0.88
C VAL A 278 20.25 -12.32 -1.67
N SER A 279 20.45 -13.47 -1.03
CA SER A 279 20.25 -14.75 -1.73
C SER A 279 18.79 -14.94 -2.13
N LEU A 280 18.57 -15.75 -3.16
CA LEU A 280 17.23 -16.20 -3.53
C LEU A 280 16.48 -16.73 -2.29
N ALA A 281 17.16 -17.51 -1.45
CA ALA A 281 16.56 -18.08 -0.24
C ALA A 281 16.10 -17.00 0.74
N VAL A 282 16.96 -16.02 1.02
CA VAL A 282 16.63 -14.96 1.97
C VAL A 282 15.50 -14.08 1.43
N ARG A 283 15.54 -13.77 0.14
CA ARG A 283 14.46 -13.03 -0.50
C ARG A 283 13.14 -13.82 -0.42
N GLU A 284 13.20 -15.13 -0.64
CA GLU A 284 12.02 -15.97 -0.43
C GLU A 284 11.55 -15.92 1.04
N ALA A 285 12.49 -15.84 1.98
CA ALA A 285 12.19 -15.69 3.40
C ALA A 285 11.50 -14.38 3.76
N CYS A 286 11.95 -13.27 3.17
CA CYS A 286 11.37 -11.95 3.41
C CYS A 286 9.93 -11.82 2.86
N ASP A 287 9.69 -12.44 1.72
CA ASP A 287 8.37 -12.54 1.11
C ASP A 287 7.44 -13.30 2.05
N PHE A 288 7.97 -14.37 2.65
CA PHE A 288 7.26 -15.13 3.68
C PHE A 288 6.87 -14.20 4.84
N ALA A 289 7.83 -13.44 5.34
CA ALA A 289 7.58 -12.52 6.45
C ALA A 289 6.46 -11.51 6.12
N ALA A 290 6.56 -10.87 4.96
CA ALA A 290 5.49 -10.00 4.44
C ALA A 290 4.14 -10.69 4.37
N GLN A 291 4.14 -11.97 4.03
CA GLN A 291 2.93 -12.77 3.88
C GLN A 291 2.23 -13.01 5.22
N LEU A 292 3.02 -13.31 6.26
CA LEU A 292 2.51 -13.47 7.62
C LEU A 292 1.93 -12.19 8.15
N LEU A 293 2.68 -11.11 7.97
CA LEU A 293 2.28 -9.79 8.39
C LEU A 293 1.01 -9.36 7.68
N SER A 294 0.89 -9.70 6.40
CA SER A 294 -0.34 -9.43 5.65
C SER A 294 -1.54 -10.08 6.31
N MET A 295 -1.39 -11.33 6.73
CA MET A 295 -2.45 -12.04 7.42
C MET A 295 -2.80 -11.37 8.76
N ARG A 296 -1.78 -10.89 9.47
CA ARG A 296 -1.98 -10.20 10.75
C ARG A 296 -2.81 -8.96 10.56
N ILE A 297 -2.34 -8.10 9.65
CA ILE A 297 -2.98 -6.86 9.31
C ILE A 297 -4.45 -7.08 8.96
N ALA A 298 -4.71 -8.04 8.08
CA ALA A 298 -6.09 -8.26 7.58
C ALA A 298 -7.07 -8.68 8.68
N MET A 299 -6.58 -9.49 9.62
CA MET A 299 -7.38 -9.93 10.76
C MET A 299 -7.53 -8.79 11.77
N GLU A 300 -6.46 -8.03 12.00
CA GLU A 300 -6.53 -6.83 12.86
C GLU A 300 -7.59 -5.83 12.36
N GLN A 301 -7.66 -5.65 11.04
CA GLN A 301 -8.68 -4.83 10.40
C GLN A 301 -10.09 -5.38 10.51
N SER A 302 -10.25 -6.68 10.23
CA SER A 302 -11.59 -7.27 10.21
C SER A 302 -12.20 -7.23 11.61
N SER A 303 -11.36 -7.43 12.63
CA SER A 303 -11.81 -7.48 14.02
C SER A 303 -12.10 -6.10 14.59
N GLN A 304 -11.25 -5.12 14.28
CA GLN A 304 -11.52 -3.72 14.66
C GLN A 304 -12.78 -3.17 14.00
N ASP A 305 -13.00 -3.58 12.75
CA ASP A 305 -14.18 -3.15 12.01
C ASP A 305 -15.44 -3.76 12.58
N ALA A 306 -15.48 -5.09 12.64
CA ALA A 306 -16.65 -5.83 13.16
C ALA A 306 -17.08 -5.35 14.55
N SER A 307 -16.10 -5.17 15.44
CA SER A 307 -16.34 -4.72 16.81
C SER A 307 -16.84 -3.27 16.87
N ARG A 308 -16.37 -2.44 15.95
CA ARG A 308 -16.88 -1.09 15.78
C ARG A 308 -18.27 -1.06 15.14
N ARG A 309 -18.52 -1.94 14.15
CA ARG A 309 -19.85 -2.02 13.50
C ARG A 309 -20.96 -2.45 14.46
N VAL A 310 -20.66 -3.44 15.29
CA VAL A 310 -21.61 -3.93 16.29
C VAL A 310 -21.76 -2.95 17.48
N GLU A 311 -20.69 -2.20 17.82
CA GLU A 311 -20.78 -1.11 18.82
C GLU A 311 -21.66 0.05 18.34
N LEU A 312 -21.50 0.42 17.07
CA LEU A 312 -22.40 1.38 16.43
C LEU A 312 -23.82 0.82 16.27
N GLY A 313 -23.94 -0.49 16.09
CA GLY A 313 -25.24 -1.19 16.14
C GLY A 313 -25.99 -1.04 17.46
N HIS A 314 -25.26 -1.17 18.59
CA HIS A 314 -25.82 -0.93 19.94
C HIS A 314 -26.51 0.43 19.99
N ILE A 315 -25.75 1.46 19.61
CA ILE A 315 -26.25 2.84 19.59
C ILE A 315 -27.39 2.98 18.59
N GLN A 316 -27.18 2.50 17.35
CA GLN A 316 -28.17 2.61 16.27
C GLN A 316 -29.58 2.18 16.70
N ALA A 317 -29.72 0.93 17.13
CA ALA A 317 -31.02 0.39 17.52
C ALA A 317 -31.62 1.10 18.74
N ARG A 318 -30.76 1.43 19.71
CA ARG A 318 -31.17 2.16 20.92
C ARG A 318 -31.79 3.56 20.60
N LEU A 319 -31.23 4.26 19.60
CA LEU A 319 -31.85 5.47 19.05
C LEU A 319 -33.08 5.16 18.20
N LEU A 320 -32.97 4.14 17.35
CA LEU A 320 -34.10 3.63 16.57
C LEU A 320 -35.37 3.33 17.41
N LYS A 321 -35.20 2.68 18.56
CA LYS A 321 -36.33 2.39 19.47
C LYS A 321 -36.80 3.66 20.20
N GLY A 322 -35.85 4.53 20.55
CA GLY A 322 -36.16 5.81 21.19
C GLY A 322 -36.97 6.76 20.32
N MET A 323 -36.65 6.82 19.03
CA MET A 323 -37.39 7.62 18.06
C MET A 323 -38.78 7.08 17.80
N ALA A 324 -38.87 5.76 17.64
CA ALA A 324 -40.15 5.10 17.45
C ALA A 324 -41.06 5.30 18.67
N ALA A 325 -40.52 5.04 19.86
CA ALA A 325 -41.27 5.18 21.12
C ALA A 325 -41.59 6.63 21.49
N ALA A 326 -40.82 7.60 20.98
CA ALA A 326 -41.07 9.02 21.27
C ALA A 326 -42.29 9.54 20.53
N GLU A 327 -42.99 10.50 21.15
CA GLU A 327 -44.22 11.10 20.59
C GLU A 327 -43.90 12.00 19.40
N LYS A 328 -43.07 13.03 19.61
CA LYS A 328 -42.56 13.91 18.55
C LYS A 328 -41.35 13.35 17.75
N TRP A 329 -40.89 12.14 18.08
CA TRP A 329 -39.76 11.41 17.40
C TRP A 329 -38.36 12.04 17.54
N VAL A 330 -38.23 13.32 17.23
CA VAL A 330 -37.00 14.10 17.44
C VAL A 330 -36.41 13.87 18.84
N ASP A 331 -37.28 13.65 19.83
CA ASP A 331 -36.88 13.39 21.21
C ASP A 331 -36.21 12.03 21.44
N GLY A 332 -36.31 11.12 20.47
CA GLY A 332 -35.49 9.91 20.43
C GLY A 332 -34.04 10.21 20.12
N LEU A 333 -33.83 11.13 19.19
CA LEU A 333 -32.50 11.68 18.92
C LEU A 333 -32.03 12.59 20.05
N LEU A 334 -32.94 13.37 20.62
CA LEU A 334 -32.58 14.35 21.66
C LEU A 334 -33.75 14.69 22.60
N GLY A 335 -34.04 13.79 23.53
CA GLY A 335 -35.00 14.02 24.61
C GLY A 335 -34.34 14.36 25.93
N GLY A 336 -33.30 13.62 26.29
CA GLY A 336 -32.46 13.91 27.46
C GLY A 336 -31.00 13.53 27.27
N GLU A 337 -30.23 13.63 28.35
CA GLU A 337 -28.79 13.29 28.38
C GLU A 337 -28.40 12.14 27.43
N GLY A 338 -28.91 10.94 27.73
CA GLY A 338 -28.60 9.70 27.00
C GLY A 338 -28.88 9.67 25.50
N GLU A 339 -29.95 10.33 25.06
CA GLU A 339 -30.29 10.42 23.63
C GLU A 339 -29.30 11.28 22.85
N ARG A 340 -28.99 12.46 23.39
CA ARG A 340 -27.95 13.33 22.81
C ARG A 340 -26.59 12.66 22.79
N GLU A 341 -26.27 12.03 23.92
CA GLU A 341 -25.02 11.29 24.08
C GLU A 341 -24.88 10.29 22.93
N ASP A 342 -25.94 9.54 22.67
CA ASP A 342 -25.97 8.50 21.63
C ASP A 342 -25.94 9.07 20.21
N LEU A 343 -26.68 10.15 19.98
CA LEU A 343 -26.64 10.84 18.69
C LEU A 343 -25.19 11.18 18.26
N LEU A 344 -24.39 11.62 19.21
CA LEU A 344 -23.00 11.98 18.94
C LEU A 344 -22.11 10.74 18.85
N LYS A 345 -22.38 9.74 19.67
CA LYS A 345 -21.64 8.49 19.61
C LYS A 345 -22.00 7.61 18.40
N GLN A 346 -23.15 7.82 17.78
CA GLN A 346 -23.53 7.05 16.57
C GLN A 346 -22.48 7.12 15.46
N VAL A 347 -21.86 8.27 15.32
CA VAL A 347 -20.86 8.51 14.29
C VAL A 347 -19.56 9.09 14.87
N GLY A 348 -19.36 8.94 16.19
CA GLY A 348 -18.15 9.44 16.87
C GLY A 348 -17.89 10.93 16.69
N ALA A 349 -18.94 11.73 16.90
CA ALA A 349 -18.91 13.18 16.71
C ALA A 349 -18.89 13.91 18.04
N ASP A 350 -18.45 15.18 18.02
CA ASP A 350 -18.43 16.04 19.22
C ASP A 350 -19.63 16.99 19.29
N GLY A 351 -20.35 17.15 18.18
CA GLY A 351 -21.65 17.82 18.17
C GLY A 351 -22.45 17.51 16.92
N ALA A 352 -23.66 18.04 16.89
CA ALA A 352 -24.56 17.86 15.76
C ALA A 352 -25.66 18.91 15.72
N ALA A 353 -26.19 19.09 14.52
CA ALA A 353 -27.28 19.99 14.25
C ALA A 353 -28.39 19.20 13.58
N LEU A 354 -29.54 19.12 14.23
CA LEU A 354 -30.76 18.67 13.58
C LEU A 354 -31.54 19.91 13.16
N VAL A 355 -31.89 19.97 11.88
CA VAL A 355 -32.60 21.12 11.34
C VAL A 355 -33.87 20.62 10.66
N LEU A 356 -35.02 20.90 11.27
CA LEU A 356 -36.33 20.61 10.67
C LEU A 356 -36.91 21.92 10.15
N GLY A 357 -36.55 22.29 8.92
CA GLY A 357 -36.92 23.58 8.33
C GLY A 357 -36.21 24.77 8.98
N ASP A 358 -36.96 25.56 9.75
CA ASP A 358 -36.42 26.71 10.51
C ASP A 358 -36.17 26.39 11.99
N ASP A 359 -36.65 25.23 12.47
CA ASP A 359 -36.36 24.77 13.83
C ASP A 359 -34.96 24.16 13.88
N TYR A 360 -34.02 24.89 14.47
CA TYR A 360 -32.64 24.46 14.66
C TYR A 360 -32.48 23.89 16.07
N GLU A 361 -31.87 22.71 16.15
CA GLU A 361 -31.48 22.10 17.42
C GLU A 361 -30.00 21.72 17.35
N LEU A 362 -29.25 22.20 18.33
CA LEU A 362 -27.82 21.99 18.36
C LEU A 362 -27.54 21.15 19.57
N VAL A 363 -26.72 20.13 19.37
CA VAL A 363 -26.37 19.16 20.38
C VAL A 363 -24.86 19.15 20.46
N GLY A 364 -24.32 19.04 21.67
CA GLY A 364 -22.88 19.05 21.87
C GLY A 364 -22.25 20.33 21.35
N ASN A 365 -21.03 20.21 20.84
CA ASN A 365 -20.25 21.34 20.37
C ASN A 365 -20.45 21.53 18.88
N THR A 366 -21.16 22.60 18.54
CA THR A 366 -21.49 22.96 17.16
C THR A 366 -20.97 24.34 16.81
N PRO A 367 -20.98 24.69 15.51
CA PRO A 367 -20.81 26.11 15.22
C PRO A 367 -22.09 26.86 15.56
N SER A 368 -22.10 28.17 15.32
CA SER A 368 -23.23 29.00 15.69
C SER A 368 -24.42 28.70 14.80
N ARG A 369 -25.61 28.98 15.31
CA ARG A 369 -26.84 28.83 14.53
C ARG A 369 -26.69 29.47 13.14
N GLU A 370 -26.22 30.71 13.08
CA GLU A 370 -26.02 31.41 11.81
C GLU A 370 -24.97 30.71 10.93
N GLN A 371 -23.86 30.27 11.51
CA GLN A 371 -22.84 29.54 10.75
C GLN A 371 -23.43 28.27 10.10
N VAL A 372 -24.25 27.54 10.86
CA VAL A 372 -24.88 26.30 10.39
C VAL A 372 -25.91 26.60 9.30
N GLU A 373 -26.72 27.64 9.48
CA GLU A 373 -27.61 28.15 8.41
C GLU A 373 -26.86 28.30 7.08
N GLU A 374 -25.74 29.00 7.15
CA GLU A 374 -24.98 29.34 5.95
C GLU A 374 -24.29 28.13 5.34
N LEU A 375 -23.95 27.16 6.18
CA LEU A 375 -23.42 25.86 5.72
C LEU A 375 -24.46 25.05 4.96
N ILE A 376 -25.69 25.03 5.47
CA ILE A 376 -26.81 24.32 4.84
C ILE A 376 -27.13 24.87 3.47
N LEU A 377 -27.17 26.21 3.38
CA LEU A 377 -27.35 26.88 2.10
C LEU A 377 -26.26 26.46 1.13
N TRP A 378 -25.02 26.48 1.61
CA TRP A 378 -23.87 26.03 0.82
C TRP A 378 -24.01 24.57 0.38
N LEU A 379 -24.44 23.70 1.31
CA LEU A 379 -24.69 22.28 1.01
C LEU A 379 -25.77 22.10 -0.05
N GLY A 380 -26.90 22.81 0.11
CA GLY A 380 -28.01 22.78 -0.86
C GLY A 380 -27.62 22.96 -2.32
N GLU A 381 -26.60 23.80 -2.56
CA GLU A 381 -26.09 24.03 -3.92
C GLU A 381 -25.28 22.85 -4.43
N ARG A 382 -24.58 22.16 -3.53
CA ARG A 382 -23.89 20.90 -3.89
C ARG A 382 -24.92 19.79 -4.20
N GLU A 383 -24.50 18.85 -5.05
CA GLU A 383 -25.34 17.72 -5.46
C GLU A 383 -24.88 16.45 -4.73
N ILE A 384 -25.59 16.10 -3.66
CA ILE A 384 -25.19 14.96 -2.80
C ILE A 384 -26.26 13.86 -2.79
N ALA A 385 -25.84 12.62 -3.06
CA ALA A 385 -26.76 11.49 -3.24
C ALA A 385 -27.37 11.04 -1.92
N ASP A 386 -26.50 10.81 -0.94
CA ASP A 386 -26.87 10.23 0.35
C ASP A 386 -26.33 11.10 1.49
N VAL A 387 -25.01 11.10 1.66
CA VAL A 387 -24.36 11.86 2.70
C VAL A 387 -23.12 12.52 2.13
N PHE A 388 -22.78 13.65 2.71
CA PHE A 388 -21.56 14.35 2.38
C PHE A 388 -20.66 14.23 3.60
N ALA A 389 -19.49 13.64 3.43
CA ALA A 389 -18.50 13.57 4.48
C ALA A 389 -17.23 14.30 4.04
N THR A 390 -16.65 15.06 4.94
CA THR A 390 -15.32 15.59 4.76
C THR A 390 -14.63 15.68 6.10
N ASP A 391 -13.35 15.39 6.10
CA ASP A 391 -12.46 15.61 7.23
C ASP A 391 -11.83 17.02 7.17
N ASN A 392 -12.06 17.77 6.07
CA ASN A 392 -11.46 19.08 5.86
C ASN A 392 -12.47 20.05 5.19
N LEU A 393 -13.36 20.60 6.00
CA LEU A 393 -14.47 21.40 5.47
C LEU A 393 -14.00 22.70 4.81
N ALA A 394 -12.95 23.31 5.36
CA ALA A 394 -12.41 24.57 4.82
C ALA A 394 -11.68 24.43 3.46
N GLY A 395 -11.43 23.20 3.03
CA GLY A 395 -10.91 22.93 1.69
C GLY A 395 -11.90 23.29 0.60
N ASN A 396 -13.15 22.88 0.77
CA ASN A 396 -14.21 23.13 -0.21
C ASN A 396 -15.14 24.32 0.17
N TYR A 397 -14.95 24.88 1.38
CA TYR A 397 -15.81 25.94 1.91
C TYR A 397 -14.97 26.84 2.81
N PRO A 398 -14.09 27.67 2.21
CA PRO A 398 -13.16 28.56 2.93
C PRO A 398 -13.79 29.30 4.11
N THR A 399 -15.00 29.83 3.90
CA THR A 399 -15.85 30.39 4.96
C THR A 399 -15.80 29.63 6.31
N ALA A 400 -15.83 28.30 6.25
CA ALA A 400 -15.81 27.47 7.46
C ALA A 400 -14.47 27.47 8.22
N ALA A 401 -13.43 28.07 7.65
CA ALA A 401 -12.22 28.33 8.41
C ALA A 401 -12.47 29.12 9.70
N ALA A 402 -13.54 29.91 9.73
CA ALA A 402 -13.96 30.63 10.93
C ALA A 402 -14.36 29.74 12.14
N TYR A 403 -14.79 28.51 11.91
CA TYR A 403 -15.21 27.63 13.00
C TYR A 403 -14.55 26.26 12.91
N ALA A 404 -13.26 26.27 12.55
CA ALA A 404 -12.49 25.03 12.42
C ALA A 404 -12.31 24.30 13.75
N SER A 405 -12.19 25.03 14.84
CA SER A 405 -12.04 24.44 16.19
C SER A 405 -13.19 23.55 16.63
N VAL A 406 -14.36 23.75 16.06
CA VAL A 406 -15.57 23.01 16.46
C VAL A 406 -16.11 22.15 15.31
N ALA A 407 -15.92 22.58 14.05
CA ALA A 407 -16.37 21.80 12.89
C ALA A 407 -15.38 21.81 11.74
N SER A 408 -14.21 21.21 11.97
CA SER A 408 -13.29 20.90 10.86
C SER A 408 -13.81 19.77 9.97
N GLY A 409 -14.45 18.76 10.55
CA GLY A 409 -15.05 17.68 9.76
C GLY A 409 -16.53 17.57 9.99
N ILE A 410 -17.26 17.17 8.95
CA ILE A 410 -18.70 16.94 9.07
C ILE A 410 -19.20 15.79 8.22
N ILE A 411 -20.31 15.22 8.68
CA ILE A 411 -21.19 14.42 7.85
C ILE A 411 -22.54 15.13 7.84
N ALA A 412 -23.06 15.41 6.64
CA ALA A 412 -24.36 16.04 6.45
C ALA A 412 -25.30 15.08 5.75
N MET A 413 -26.54 15.02 6.23
CA MET A 413 -27.55 14.15 5.66
C MET A 413 -28.78 14.97 5.42
N ARG A 414 -29.19 15.07 4.16
CA ARG A 414 -30.48 15.68 3.82
C ARG A 414 -31.58 14.72 4.26
N VAL A 415 -32.76 15.28 4.49
CA VAL A 415 -33.93 14.49 4.96
C VAL A 415 -35.24 14.85 4.23
N SER A 416 -35.51 16.15 4.01
CA SER A 416 -36.71 16.63 3.28
C SER A 416 -36.37 17.64 2.16
N GLU A 417 -37.41 18.08 1.45
CA GLU A 417 -37.30 19.11 0.40
C GLU A 417 -38.42 20.13 0.52
N GLY A 420 -37.11 20.72 3.50
CA GLY A 420 -35.72 21.19 3.43
C GLY A 420 -34.99 20.98 4.74
N SER A 421 -35.04 19.75 5.25
CA SER A 421 -34.43 19.36 6.54
C SER A 421 -33.04 18.73 6.37
N TRP A 422 -32.27 18.77 7.47
CA TRP A 422 -30.88 18.32 7.52
C TRP A 422 -30.48 17.77 8.88
N LEU A 423 -29.56 16.81 8.86
CA LEU A 423 -28.92 16.33 10.08
C LEU A 423 -27.44 16.35 9.78
N ILE A 424 -26.68 17.10 10.57
CA ILE A 424 -25.27 17.29 10.34
C ILE A 424 -24.54 17.00 11.63
N TRP A 425 -23.43 16.27 11.53
CA TRP A 425 -22.56 16.03 12.67
C TRP A 425 -21.29 16.81 12.49
N PHE A 426 -20.63 17.09 13.61
CA PHE A 426 -19.44 17.93 13.61
C PHE A 426 -18.30 17.27 14.33
N ARG A 427 -17.10 17.44 13.78
CA ARG A 427 -15.88 17.08 14.45
C ARG A 427 -14.91 18.25 14.44
N PRO A 428 -14.22 18.49 15.57
CA PRO A 428 -13.29 19.59 15.67
C PRO A 428 -11.96 19.32 14.98
N GLU A 429 -11.19 20.40 14.84
CA GLU A 429 -9.84 20.36 14.29
C GLU A 429 -8.94 19.55 15.21
N VAL A 430 -8.15 18.66 14.60
CA VAL A 430 -7.01 18.08 15.29
C VAL A 430 -5.76 18.62 14.62
N ILE A 431 -4.87 19.15 15.45
CA ILE A 431 -3.68 19.82 14.99
C ILE A 431 -2.65 18.69 14.88
N LYS A 432 -2.15 18.48 13.66
CA LYS A 432 -1.12 17.48 13.41
C LYS A 432 0.04 18.20 12.72
N THR A 433 1.27 17.97 13.19
CA THR A 433 2.47 18.40 12.48
C THR A 433 2.88 17.19 11.68
N VAL A 434 2.86 17.31 10.36
CA VAL A 434 3.31 16.22 9.49
C VAL A 434 4.71 16.53 8.98
N ARG A 435 5.57 15.52 9.07
CA ARG A 435 6.94 15.57 8.62
C ARG A 435 7.02 14.84 7.27
N TRP A 436 7.53 15.53 6.25
CA TRP A 436 7.73 14.96 4.91
C TRP A 436 9.23 14.75 4.61
N GLY A 437 9.56 13.64 3.94
CA GLY A 437 10.93 13.36 3.50
C GLY A 437 11.31 14.20 2.30
N GLY A 438 11.67 15.46 2.57
CA GLY A 438 11.80 16.46 1.53
C GLY A 438 10.47 17.14 1.27
N ASP A 439 10.51 18.19 0.46
CA ASP A 439 9.33 18.96 0.10
C ASP A 439 8.42 18.10 -0.80
N PRO A 440 7.14 17.88 -0.39
CA PRO A 440 6.27 16.99 -1.17
C PRO A 440 5.94 17.45 -2.59
N HIS A 441 5.90 18.76 -2.80
CA HIS A 441 5.50 19.34 -4.09
C HIS A 441 6.67 19.43 -5.08
N LYS A 442 7.90 19.49 -4.56
CA LYS A 442 9.08 19.74 -5.39
C LYS A 442 9.43 18.56 -6.31
N THR A 443 9.56 18.85 -7.61
CA THR A 443 10.13 17.93 -8.59
C THR A 443 10.86 18.78 -9.63
N VAL A 444 12.06 18.33 -10.02
CA VAL A 444 12.87 19.05 -11.00
C VAL A 444 12.30 18.79 -12.40
N GLN A 445 11.59 19.77 -12.94
CA GLN A 445 10.99 19.69 -14.29
C GLN A 445 12.09 19.85 -15.36
N GLU A 446 11.86 19.26 -16.53
CA GLU A 446 12.82 19.32 -17.64
C GLU A 446 12.14 18.96 -18.97
N ARG A 449 10.68 15.82 -18.96
CA ARG A 449 10.84 14.69 -18.05
C ARG A 449 10.86 15.16 -16.59
N ILE A 450 9.99 14.59 -15.75
CA ILE A 450 9.94 14.93 -14.31
C ILE A 450 11.02 14.13 -13.59
N HIS A 451 11.99 14.83 -12.98
CA HIS A 451 13.10 14.20 -12.24
C HIS A 451 12.82 14.30 -10.73
N PRO A 452 13.45 13.42 -9.93
CA PRO A 452 13.25 13.44 -8.47
C PRO A 452 13.99 14.56 -7.76
N ARG A 453 13.39 15.07 -6.68
CA ARG A 453 14.04 16.04 -5.81
C ARG A 453 15.36 15.49 -5.27
N LYS A 454 16.28 16.40 -4.98
CA LYS A 454 17.62 16.05 -4.50
C LYS A 454 17.71 16.00 -2.97
N SER A 455 16.80 16.69 -2.27
CA SER A 455 16.82 16.73 -0.81
C SER A 455 15.68 15.92 -0.21
N PHE A 456 16.05 14.95 0.63
CA PHE A 456 15.10 14.29 1.53
C PHE A 456 15.28 14.75 2.98
N GLU A 457 15.63 16.03 3.18
CA GLU A 457 15.70 16.61 4.52
C GLU A 457 14.27 16.79 5.01
N ILE A 458 14.07 16.64 6.32
CA ILE A 458 12.71 16.66 6.90
C ILE A 458 12.07 18.01 6.65
N TRP A 459 10.83 17.97 6.18
CA TRP A 459 10.09 19.15 5.76
C TRP A 459 8.81 19.14 6.57
N LYS A 460 8.63 20.15 7.44
CA LYS A 460 7.49 20.21 8.38
C LYS A 460 6.32 20.99 7.78
N GLU A 461 5.13 20.65 8.27
CA GLU A 461 3.89 21.20 7.76
C GLU A 461 2.85 21.08 8.86
N GLN A 462 2.46 22.21 9.44
CA GLN A 462 1.32 22.25 10.35
C GLN A 462 0.08 21.95 9.54
N LEU A 463 -0.68 20.94 9.97
CA LEU A 463 -1.93 20.59 9.34
C LEU A 463 -3.06 21.20 10.13
N ARG A 464 -3.79 22.08 9.45
CA ARG A 464 -4.85 22.89 10.05
C ARG A 464 -6.19 22.49 9.46
N ASN A 465 -7.25 22.88 10.16
CA ASN A 465 -8.63 22.74 9.67
C ASN A 465 -9.01 21.32 9.28
N THR A 466 -8.44 20.33 9.93
CA THR A 466 -8.68 18.93 9.60
C THR A 466 -9.03 18.13 10.84
N SER A 467 -10.09 17.34 10.74
CA SER A 467 -10.53 16.48 11.82
C SER A 467 -9.97 15.07 11.67
N PHE A 468 -10.11 14.29 12.73
CA PHE A 468 -10.01 12.83 12.67
C PHE A 468 -10.91 12.30 11.52
N PRO A 469 -10.38 11.42 10.66
CA PRO A 469 -11.18 10.99 9.49
C PRO A 469 -12.34 10.06 9.86
N TRP A 470 -13.37 10.07 9.04
CA TRP A 470 -14.56 9.27 9.32
C TRP A 470 -14.26 7.85 8.88
N SER A 471 -14.44 6.90 9.80
CA SER A 471 -14.29 5.49 9.48
C SER A 471 -15.49 5.02 8.68
N GLU A 472 -15.30 3.97 7.90
CA GLU A 472 -16.38 3.42 7.07
C GLU A 472 -17.58 2.83 7.83
N PRO A 473 -17.36 2.30 9.06
CA PRO A 473 -18.48 1.97 9.94
C PRO A 473 -19.31 3.18 10.35
N GLU A 474 -18.62 4.31 10.59
CA GLU A 474 -19.28 5.55 10.96
C GLU A 474 -20.13 6.11 9.84
N LEU A 475 -19.62 6.11 8.60
CA LEU A 475 -20.43 6.57 7.46
C LEU A 475 -21.59 5.60 7.17
N ALA A 476 -21.35 4.32 7.42
CA ALA A 476 -22.37 3.32 7.24
C ALA A 476 -23.52 3.56 8.22
N ALA A 477 -23.18 3.84 9.47
CA ALA A 477 -24.20 4.19 10.49
C ALA A 477 -24.96 5.46 10.13
N ALA A 478 -24.24 6.43 9.58
CA ALA A 478 -24.86 7.67 9.12
C ALA A 478 -25.93 7.38 8.07
N ARG A 479 -25.54 6.70 7.00
CA ARG A 479 -26.48 6.31 5.94
C ARG A 479 -27.64 5.48 6.51
N GLU A 480 -27.32 4.53 7.39
CA GLU A 480 -28.35 3.70 8.05
C GLU A 480 -29.34 4.61 8.80
N LEU A 481 -28.83 5.49 9.67
CA LEU A 481 -29.71 6.35 10.46
C LEU A 481 -30.56 7.30 9.60
N ARG A 482 -30.06 7.67 8.43
CA ARG A 482 -30.77 8.51 7.47
C ARG A 482 -32.04 7.83 6.95
N GLY A 483 -31.92 6.54 6.64
CA GLY A 483 -33.03 5.75 6.14
C GLY A 483 -34.20 5.71 7.10
N ALA A 484 -33.92 5.43 8.37
CA ALA A 484 -34.95 5.39 9.42
C ALA A 484 -35.66 6.73 9.54
N ILE A 485 -34.89 7.82 9.45
CA ILE A 485 -35.43 9.18 9.54
C ILE A 485 -36.20 9.55 8.27
N ILE A 486 -35.66 9.19 7.10
CA ILE A 486 -36.37 9.36 5.82
C ILE A 486 -37.73 8.66 5.84
N GLY A 487 -37.78 7.43 6.36
CA GLY A 487 -39.01 6.64 6.43
C GLY A 487 -40.04 7.05 7.48
N ILE A 488 -39.67 7.96 8.40
CA ILE A 488 -40.57 8.44 9.45
C ILE A 488 -41.23 9.78 9.08
N VAL A 489 -40.46 10.74 8.54
CA VAL A 489 -41.03 12.03 8.08
C VAL A 489 -42.01 11.89 6.91
N LEU A 490 -41.76 10.89 6.04
CA LEU A 490 -42.69 10.48 4.99
C LEU A 490 -43.96 9.84 5.60
N ARG A 491 -43.78 9.03 6.64
CA ARG A 491 -44.89 8.42 7.40
C ARG A 491 -45.72 9.46 8.19
N LYS A 492 -45.04 10.36 8.90
CA LYS A 492 -45.70 11.43 9.68
C LYS A 492 -46.54 12.40 8.82
N THR A 493 -46.09 12.63 7.59
CA THR A 493 -46.85 13.36 6.58
C THR A 493 -47.56 12.39 5.63
#